data_1KN2
#
_entry.id   1KN2
#
_cell.length_a   78.275
_cell.length_b   78.275
_cell.length_c   158.952
_cell.angle_alpha   90.00
_cell.angle_beta   90.00
_cell.angle_gamma   120.00
#
_symmetry.space_group_name_H-M   'P 31 2 1'
#
loop_
_entity.id
_entity.type
_entity.pdbx_description
1 polymer 'IG ANTIBODY D2.3 (LIGHT CHAIN)'
2 polymer 'IG ANTIBODY D2.3 (HEAVY CHAIN)'
3 non-polymer 'ZINC ION'
4 non-polymer 'PARA-NITROPHENYL PHOSPHONOBUTANOYL L-ALANINE'
5 water water
#
loop_
_entity_poly.entity_id
_entity_poly.type
_entity_poly.pdbx_seq_one_letter_code
_entity_poly.pdbx_strand_id
1 'polypeptide(L)'
;DIVMTQSPLTLSVTIGQPASISCKSSQSLLYSNGKTYLNWLLQRPGQSPKRLIHLVSKLDSGVPDRITGSGSGTDFTLKI
SRVEAADLGVYYCVQGTHFPYTFGGGTKLEILRADAAPTVSIFPPSSEQLTSGGASVVCFLNNFYPKDINVKWKIDGSER
QNGVLNSWTDQDSKDSTYSMSSTLTLTKDEYERHNSYTCEATHKTSTSPIVKSFNRNEC
;
L
2 'polypeptide(L)'
;EMQLQQSGAELLRPGTSVKLSCKTSGYIFTSYWIHWVKQRSGQGLEWIARIYPGTGSTYYNEKFKGKATLTADKSSSTAY
MQLSTLKSEDSAVYFCTRWGFIPVREDYVMDYWGQGTLVTVSSAKTTAPSVYPLAPVCGDTTGSSVTLGCLVKGYFPEPV
TLTWNSGSLSSGVHTFPAVLQSDLYTLSSSVTVTSSTWPSQSITCNVAHPASSTKVDKKIEP
;
H
#
# COMPACT_ATOMS: atom_id res chain seq x y z
N ASP A 1 -27.75 -9.26 0.58
CA ASP A 1 -26.42 -9.65 0.07
C ASP A 1 -25.79 -10.74 0.95
N ILE A 2 -24.97 -11.59 0.35
CA ILE A 2 -24.33 -12.67 1.10
C ILE A 2 -23.22 -12.06 1.91
N VAL A 3 -23.19 -12.37 3.20
CA VAL A 3 -22.12 -11.91 4.08
C VAL A 3 -21.07 -13.02 4.11
N MET A 4 -19.83 -12.64 3.87
CA MET A 4 -18.70 -13.56 3.84
C MET A 4 -17.80 -13.24 5.05
N THR A 5 -17.62 -14.22 5.93
CA THR A 5 -16.80 -14.02 7.13
C THR A 5 -15.49 -14.82 7.10
N GLN A 6 -14.36 -14.11 7.18
CA GLN A 6 -13.05 -14.76 7.16
C GLN A 6 -12.41 -14.72 8.53
N SER A 7 -11.70 -15.79 8.86
CA SER A 7 -10.98 -15.88 10.12
C SER A 7 -9.78 -16.79 9.86
N PRO A 8 -8.65 -16.48 10.50
CA PRO A 8 -8.46 -15.34 11.40
C PRO A 8 -8.26 -14.03 10.60
N LEU A 9 -8.16 -12.92 11.31
CA LEU A 9 -7.94 -11.61 10.67
C LEU A 9 -6.51 -11.55 10.16
N THR A 10 -5.61 -12.10 10.96
CA THR A 10 -4.18 -12.15 10.63
C THR A 10 -3.61 -13.46 11.14
N LEU A 11 -2.59 -13.96 10.45
CA LEU A 11 -1.93 -15.16 10.91
C LEU A 11 -0.46 -14.98 10.66
N SER A 12 0.32 -15.35 11.66
CA SER A 12 1.76 -15.23 11.64
C SER A 12 2.30 -16.66 11.54
N VAL A 13 2.96 -16.99 10.44
CA VAL A 13 3.46 -18.36 10.22
C VAL A 13 4.93 -18.36 9.80
N THR A 14 5.73 -19.32 10.29
CA THR A 14 7.14 -19.35 9.87
C THR A 14 7.30 -20.12 8.55
N ILE A 15 8.26 -19.71 7.74
CA ILE A 15 8.56 -20.34 6.48
C ILE A 15 8.74 -21.86 6.63
N GLY A 16 7.99 -22.63 5.85
CA GLY A 16 8.06 -24.07 5.92
C GLY A 16 6.89 -24.67 6.68
N GLN A 17 6.11 -23.87 7.38
CA GLN A 17 4.95 -24.38 8.12
C GLN A 17 3.62 -24.22 7.36
N PRO A 18 2.60 -25.03 7.71
CA PRO A 18 1.30 -24.93 7.04
C PRO A 18 0.42 -23.79 7.59
N ALA A 19 -0.54 -23.36 6.79
CA ALA A 19 -1.43 -22.28 7.20
C ALA A 19 -2.79 -22.57 6.60
N SER A 20 -3.84 -22.20 7.29
CA SER A 20 -5.16 -22.38 6.76
C SER A 20 -6.04 -21.21 7.18
N ILE A 21 -6.85 -20.76 6.22
CA ILE A 21 -7.74 -19.63 6.38
C ILE A 21 -9.17 -20.14 6.18
N SER A 22 -10.07 -19.64 7.00
CA SER A 22 -11.46 -20.06 6.94
C SER A 22 -12.35 -18.97 6.34
N CYS A 23 -13.39 -19.40 5.62
CA CYS A 23 -14.37 -18.49 5.01
C CYS A 23 -15.79 -19.10 5.14
N LYS A 24 -16.70 -18.33 5.76
CA LYS A 24 -18.07 -18.76 6.02
C LYS A 24 -19.02 -17.82 5.27
N SER A 25 -20.09 -18.35 4.71
CA SER A 25 -21.06 -17.54 3.99
C SER A 25 -22.43 -17.55 4.68
N SER A 26 -23.20 -16.49 4.52
CA SER A 26 -24.52 -16.45 5.13
C SER A 26 -25.56 -17.29 4.38
N GLN A 27 -25.27 -17.66 3.14
CA GLN A 27 -26.17 -18.51 2.33
C GLN A 27 -25.30 -19.62 1.77
N SER A 28 -25.91 -20.73 1.36
CA SER A 28 -25.15 -21.81 0.77
C SER A 28 -24.67 -21.27 -0.56
N LEU A 29 -23.47 -21.67 -0.97
CA LEU A 29 -22.92 -21.21 -2.21
C LEU A 29 -23.16 -22.20 -3.35
N LEU A 30 -24.04 -23.16 -3.12
CA LEU A 30 -24.36 -24.14 -4.14
C LEU A 30 -25.28 -23.43 -5.14
N TYR A 31 -24.83 -23.28 -6.37
CA TYR A 31 -25.60 -22.65 -7.41
C TYR A 31 -26.60 -23.70 -7.95
N SER A 32 -27.67 -23.23 -8.61
CA SER A 32 -28.70 -24.12 -9.15
C SER A 32 -28.24 -25.12 -10.22
N ASN A 33 -27.04 -24.94 -10.77
CA ASN A 33 -26.52 -25.88 -11.77
C ASN A 33 -25.60 -26.92 -11.10
N GLY A 34 -25.56 -26.93 -9.77
CA GLY A 34 -24.73 -27.89 -9.06
C GLY A 34 -23.30 -27.46 -8.84
N LYS A 35 -22.94 -26.29 -9.34
CA LYS A 35 -21.59 -25.78 -9.16
C LYS A 35 -21.56 -24.82 -7.96
N THR A 36 -20.39 -24.71 -7.34
CA THR A 36 -20.16 -23.81 -6.21
C THR A 36 -19.11 -22.77 -6.62
N TYR A 37 -19.57 -21.54 -6.87
CA TYR A 37 -18.70 -20.46 -7.31
C TYR A 37 -18.01 -19.71 -6.15
N LEU A 38 -16.99 -20.35 -5.57
CA LEU A 38 -16.23 -19.75 -4.48
C LEU A 38 -14.79 -19.63 -4.97
N ASN A 39 -14.26 -18.41 -4.91
CA ASN A 39 -12.90 -18.11 -5.37
C ASN A 39 -12.02 -17.58 -4.23
N TRP A 40 -10.71 -17.72 -4.40
CA TRP A 40 -9.75 -17.20 -3.42
C TRP A 40 -8.80 -16.34 -4.21
N LEU A 41 -8.57 -15.13 -3.71
CA LEU A 41 -7.67 -14.17 -4.34
C LEU A 41 -6.55 -13.83 -3.38
N LEU A 42 -5.42 -13.42 -3.91
CA LEU A 42 -4.29 -13.00 -3.09
C LEU A 42 -3.90 -11.62 -3.55
N GLN A 43 -3.81 -10.67 -2.61
CA GLN A 43 -3.34 -9.33 -2.98
C GLN A 43 -2.01 -9.12 -2.25
N ARG A 44 -0.92 -9.14 -3.01
CA ARG A 44 0.41 -8.93 -2.46
C ARG A 44 0.62 -7.43 -2.25
N PRO A 45 1.48 -7.06 -1.29
CA PRO A 45 1.71 -5.63 -1.04
C PRO A 45 2.07 -4.85 -2.33
N GLY A 46 1.31 -3.78 -2.58
CA GLY A 46 1.51 -2.94 -3.76
C GLY A 46 1.13 -3.52 -5.12
N GLN A 47 0.39 -4.62 -5.13
CA GLN A 47 -0.02 -5.27 -6.37
C GLN A 47 -1.53 -5.35 -6.44
N SER A 48 -2.06 -5.66 -7.61
CA SER A 48 -3.49 -5.82 -7.79
C SER A 48 -3.82 -7.23 -7.27
N PRO A 49 -5.11 -7.50 -6.94
CA PRO A 49 -5.44 -8.85 -6.47
C PRO A 49 -5.24 -9.87 -7.61
N LYS A 50 -5.06 -11.15 -7.27
CA LYS A 50 -4.89 -12.21 -8.28
C LYS A 50 -5.67 -13.45 -7.82
N ARG A 51 -6.37 -14.10 -8.74
CA ARG A 51 -7.11 -15.30 -8.36
C ARG A 51 -6.18 -16.51 -8.29
N LEU A 52 -6.28 -17.20 -7.16
CA LEU A 52 -5.52 -18.40 -6.88
C LEU A 52 -6.37 -19.65 -7.16
N ILE A 53 -7.62 -19.60 -6.71
CA ILE A 53 -8.52 -20.73 -6.84
C ILE A 53 -9.92 -20.35 -7.31
N HIS A 54 -10.52 -21.23 -8.10
CA HIS A 54 -11.89 -21.05 -8.57
C HIS A 54 -12.64 -22.36 -8.35
N LEU A 55 -13.97 -22.28 -8.30
CA LEU A 55 -14.80 -23.46 -8.10
C LEU A 55 -14.37 -24.27 -6.88
N VAL A 56 -14.12 -23.56 -5.77
CA VAL A 56 -13.74 -24.14 -4.48
C VAL A 56 -12.35 -24.78 -4.34
N SER A 57 -11.97 -25.61 -5.32
CA SER A 57 -10.72 -26.34 -5.22
C SER A 57 -9.86 -26.39 -6.45
N LYS A 58 -10.32 -25.79 -7.56
CA LYS A 58 -9.53 -25.80 -8.78
C LYS A 58 -8.51 -24.67 -8.80
N LEU A 59 -7.26 -25.02 -9.03
CA LEU A 59 -6.17 -24.05 -9.09
C LEU A 59 -6.08 -23.37 -10.44
N ASP A 60 -5.84 -22.06 -10.42
CA ASP A 60 -5.69 -21.33 -11.66
C ASP A 60 -4.29 -21.65 -12.18
N SER A 61 -4.09 -21.44 -13.47
CA SER A 61 -2.81 -21.69 -14.10
C SER A 61 -1.72 -20.88 -13.45
N GLY A 62 -0.56 -21.52 -13.26
CA GLY A 62 0.57 -20.84 -12.67
C GLY A 62 0.55 -20.66 -11.17
N VAL A 63 -0.44 -21.26 -10.50
CA VAL A 63 -0.54 -21.18 -9.05
C VAL A 63 0.09 -22.48 -8.51
N PRO A 64 1.03 -22.36 -7.55
CA PRO A 64 1.70 -23.53 -6.95
C PRO A 64 0.71 -24.45 -6.22
N ASP A 65 0.86 -25.77 -6.39
CA ASP A 65 -0.05 -26.70 -5.73
C ASP A 65 0.20 -26.92 -4.25
N ARG A 66 0.99 -26.03 -3.66
CA ARG A 66 1.22 -26.04 -2.22
C ARG A 66 -0.09 -25.44 -1.68
N ILE A 67 -0.82 -24.72 -2.54
CA ILE A 67 -2.11 -24.08 -2.20
C ILE A 67 -3.29 -25.02 -2.56
N THR A 68 -4.19 -25.27 -1.61
CA THR A 68 -5.32 -26.12 -1.94
C THR A 68 -6.54 -25.51 -1.30
N GLY A 69 -7.71 -25.78 -1.85
CA GLY A 69 -8.93 -25.25 -1.29
C GLY A 69 -9.93 -26.37 -1.14
N SER A 70 -10.81 -26.24 -0.16
CA SER A 70 -11.85 -27.25 0.06
C SER A 70 -13.05 -26.61 0.75
N GLY A 71 -14.12 -27.41 0.89
CA GLY A 71 -15.35 -26.96 1.54
C GLY A 71 -16.57 -27.15 0.66
N SER A 72 -17.72 -26.80 1.20
CA SER A 72 -18.99 -26.88 0.46
C SER A 72 -20.04 -26.19 1.29
N GLY A 73 -21.15 -25.83 0.65
CA GLY A 73 -22.23 -25.19 1.37
C GLY A 73 -21.90 -23.80 1.83
N THR A 74 -21.67 -23.64 3.13
CA THR A 74 -21.37 -22.34 3.71
C THR A 74 -19.97 -22.26 4.35
N ASP A 75 -19.21 -23.36 4.29
CA ASP A 75 -17.89 -23.41 4.91
C ASP A 75 -16.79 -23.79 3.95
N PHE A 76 -15.79 -22.93 3.84
CA PHE A 76 -14.67 -23.16 2.92
C PHE A 76 -13.35 -22.92 3.58
N THR A 77 -12.31 -23.60 3.10
CA THR A 77 -10.98 -23.46 3.67
C THR A 77 -9.88 -23.38 2.64
N LEU A 78 -8.94 -22.46 2.81
CA LEU A 78 -7.81 -22.36 1.90
C LEU A 78 -6.64 -22.85 2.73
N LYS A 79 -5.87 -23.79 2.22
CA LYS A 79 -4.72 -24.29 2.96
C LYS A 79 -3.46 -24.13 2.13
N ILE A 80 -2.37 -23.78 2.82
CA ILE A 80 -1.04 -23.65 2.22
C ILE A 80 -0.23 -24.72 2.99
N SER A 81 0.22 -25.74 2.27
CA SER A 81 0.95 -26.86 2.85
C SER A 81 2.30 -26.48 3.46
N ARG A 82 3.03 -25.60 2.78
CA ARG A 82 4.35 -25.18 3.25
C ARG A 82 4.48 -23.71 2.86
N VAL A 83 4.52 -22.81 3.83
CA VAL A 83 4.62 -21.37 3.51
C VAL A 83 6.00 -20.91 3.02
N GLU A 84 5.98 -20.03 2.02
CA GLU A 84 7.18 -19.44 1.45
C GLU A 84 7.03 -17.92 1.59
N ALA A 85 8.13 -17.19 1.44
CA ALA A 85 8.14 -15.72 1.56
C ALA A 85 7.16 -15.06 0.59
N ALA A 86 7.09 -15.60 -0.62
CA ALA A 86 6.20 -15.10 -1.67
C ALA A 86 4.69 -15.17 -1.31
N ASP A 87 4.34 -15.88 -0.23
CA ASP A 87 2.93 -16.01 0.17
C ASP A 87 2.42 -14.82 1.00
N LEU A 88 3.31 -13.89 1.30
CA LEU A 88 2.97 -12.71 2.08
C LEU A 88 1.91 -11.82 1.35
N GLY A 89 0.85 -11.43 2.06
CA GLY A 89 -0.17 -10.59 1.46
C GLY A 89 -1.52 -10.85 2.11
N VAL A 90 -2.58 -10.30 1.52
CA VAL A 90 -3.92 -10.50 2.08
C VAL A 90 -4.73 -11.45 1.20
N TYR A 91 -5.31 -12.46 1.85
CA TYR A 91 -6.11 -13.46 1.16
C TYR A 91 -7.59 -13.14 1.31
N TYR A 92 -8.33 -13.29 0.22
CA TYR A 92 -9.77 -13.01 0.23
C TYR A 92 -10.55 -14.13 -0.42
N CYS A 93 -11.70 -14.46 0.15
CA CYS A 93 -12.60 -15.42 -0.47
C CYS A 93 -13.67 -14.53 -1.09
N VAL A 94 -14.15 -14.89 -2.27
CA VAL A 94 -15.19 -14.10 -2.93
C VAL A 94 -16.16 -15.06 -3.62
N GLN A 95 -17.46 -14.85 -3.38
CA GLN A 95 -18.50 -15.70 -3.95
C GLN A 95 -19.18 -15.06 -5.16
N GLY A 96 -19.52 -15.89 -6.13
CA GLY A 96 -20.20 -15.44 -7.33
C GLY A 96 -21.51 -16.20 -7.57
N THR A 97 -21.98 -16.98 -6.58
CA THR A 97 -23.21 -17.76 -6.68
C THR A 97 -24.46 -16.93 -6.54
N HIS A 98 -24.38 -15.89 -5.73
CA HIS A 98 -25.51 -15.01 -5.51
C HIS A 98 -25.16 -13.62 -5.95
N PHE A 99 -26.13 -12.93 -6.55
CA PHE A 99 -25.90 -11.57 -7.03
C PHE A 99 -26.34 -10.58 -5.94
N PRO A 100 -25.52 -9.55 -5.65
CA PRO A 100 -24.22 -9.23 -6.24
C PRO A 100 -23.08 -10.05 -5.60
N TYR A 101 -21.96 -10.17 -6.31
CA TYR A 101 -20.80 -10.92 -5.83
C TYR A 101 -20.26 -10.19 -4.61
N THR A 102 -19.91 -10.93 -3.55
CA THR A 102 -19.42 -10.31 -2.33
C THR A 102 -18.13 -10.94 -1.86
N PHE A 103 -17.32 -10.13 -1.17
CA PHE A 103 -16.01 -10.52 -0.66
C PHE A 103 -15.97 -10.69 0.84
N GLY A 104 -15.01 -11.49 1.29
CA GLY A 104 -14.76 -11.69 2.71
C GLY A 104 -13.88 -10.50 3.06
N GLY A 105 -13.73 -10.24 4.35
CA GLY A 105 -12.95 -9.09 4.80
C GLY A 105 -11.45 -9.18 4.68
N GLY A 106 -10.94 -10.35 4.28
CA GLY A 106 -9.52 -10.52 4.11
C GLY A 106 -8.78 -11.08 5.32
N THR A 107 -7.72 -11.82 5.06
CA THR A 107 -6.88 -12.39 6.11
C THR A 107 -5.45 -12.05 5.73
N LYS A 108 -4.77 -11.33 6.62
CA LYS A 108 -3.38 -10.95 6.35
C LYS A 108 -2.43 -12.05 6.84
N LEU A 109 -1.61 -12.54 5.92
CA LEU A 109 -0.64 -13.56 6.29
C LEU A 109 0.71 -12.87 6.42
N GLU A 110 1.35 -13.03 7.58
CA GLU A 110 2.68 -12.46 7.80
C GLU A 110 3.71 -13.52 8.20
N ILE A 111 4.91 -13.37 7.67
CA ILE A 111 6.02 -14.29 7.91
C ILE A 111 6.65 -14.10 9.30
N LEU A 112 6.51 -15.10 10.16
CA LEU A 112 7.06 -15.08 11.51
C LEU A 112 8.53 -15.43 11.40
N ARG A 113 9.40 -14.49 11.78
CA ARG A 113 10.83 -14.71 11.72
C ARG A 113 11.42 -14.44 13.09
N ALA A 114 12.73 -14.58 13.24
CA ALA A 114 13.38 -14.34 14.54
C ALA A 114 13.33 -12.86 14.94
N ASP A 115 13.32 -12.59 16.25
CA ASP A 115 13.31 -11.22 16.77
C ASP A 115 14.49 -10.46 16.22
N ALA A 116 14.26 -9.20 15.85
CA ALA A 116 15.31 -8.35 15.32
C ALA A 116 15.21 -6.97 15.97
N ALA A 117 16.34 -6.47 16.46
CA ALA A 117 16.41 -5.17 17.11
C ALA A 117 16.47 -4.08 16.05
N PRO A 118 15.76 -2.97 16.28
CA PRO A 118 15.72 -1.83 15.35
C PRO A 118 17.09 -1.19 15.27
N THR A 119 17.40 -0.63 14.10
CA THR A 119 18.62 0.14 13.91
C THR A 119 18.02 1.53 13.85
N VAL A 120 18.42 2.38 14.78
CA VAL A 120 17.90 3.73 14.88
C VAL A 120 18.87 4.80 14.42
N SER A 121 18.36 5.77 13.67
CA SER A 121 19.13 6.91 13.15
C SER A 121 18.30 8.17 13.42
N ILE A 122 18.91 9.23 13.97
CA ILE A 122 18.16 10.45 14.23
C ILE A 122 18.77 11.58 13.38
N PHE A 123 17.93 12.50 12.92
CA PHE A 123 18.38 13.59 12.07
C PHE A 123 17.85 14.94 12.49
N PRO A 124 18.74 15.91 12.72
CA PRO A 124 18.33 17.26 13.13
C PRO A 124 17.76 17.95 11.88
N PRO A 125 17.06 19.10 12.05
CA PRO A 125 16.49 19.83 10.92
C PRO A 125 17.59 20.25 9.93
N SER A 126 17.24 20.38 8.67
CA SER A 126 18.22 20.82 7.69
C SER A 126 18.23 22.35 7.71
N SER A 127 19.31 22.95 7.21
CA SER A 127 19.42 24.41 7.15
C SER A 127 18.27 24.91 6.32
N GLU A 128 18.04 24.21 5.21
CA GLU A 128 16.96 24.52 4.29
C GLU A 128 15.65 24.73 5.04
N GLN A 129 15.28 23.79 5.88
CA GLN A 129 14.03 23.92 6.60
C GLN A 129 14.04 25.07 7.62
N LEU A 130 15.11 25.17 8.39
CA LEU A 130 15.23 26.22 9.40
C LEU A 130 15.01 27.61 8.80
N THR A 131 15.54 27.81 7.60
CA THR A 131 15.39 29.07 6.87
C THR A 131 13.92 29.47 6.69
N SER A 132 13.07 28.47 6.45
CA SER A 132 11.65 28.70 6.25
C SER A 132 10.89 28.88 7.57
N GLY A 133 11.57 28.69 8.70
CA GLY A 133 10.91 28.84 9.98
C GLY A 133 10.33 27.58 10.58
N GLY A 134 10.66 26.41 10.02
CA GLY A 134 10.16 25.16 10.54
C GLY A 134 11.33 24.29 10.95
N ALA A 135 11.05 23.29 11.77
CA ALA A 135 12.11 22.40 12.22
C ALA A 135 11.57 21.01 12.53
N SER A 136 11.95 20.03 11.71
CA SER A 136 11.51 18.65 11.93
C SER A 136 12.70 17.79 12.29
N VAL A 137 12.54 17.00 13.34
CA VAL A 137 13.57 16.08 13.82
C VAL A 137 13.03 14.72 13.37
N VAL A 138 13.83 13.98 12.60
CA VAL A 138 13.44 12.67 12.08
C VAL A 138 14.18 11.50 12.72
N CYS A 139 13.41 10.46 13.01
CA CYS A 139 13.96 9.26 13.60
C CYS A 139 13.49 8.05 12.80
N PHE A 140 14.44 7.30 12.24
CA PHE A 140 14.15 6.08 11.47
C PHE A 140 14.48 4.85 12.33
N LEU A 141 13.52 3.95 12.45
CA LEU A 141 13.71 2.70 13.21
C LEU A 141 13.57 1.59 12.16
N ASN A 142 14.72 1.14 11.65
CA ASN A 142 14.77 0.13 10.59
C ASN A 142 14.99 -1.33 10.95
N ASN A 143 14.37 -2.18 10.14
CA ASN A 143 14.47 -3.63 10.20
C ASN A 143 14.33 -4.27 11.57
N PHE A 144 13.13 -4.22 12.11
CA PHE A 144 12.88 -4.84 13.39
C PHE A 144 11.74 -5.83 13.22
N TYR A 145 11.61 -6.70 14.21
CA TYR A 145 10.56 -7.72 14.27
C TYR A 145 10.44 -8.15 15.73
N PRO A 146 9.21 -8.28 16.28
CA PRO A 146 7.86 -8.07 15.73
C PRO A 146 7.55 -6.60 15.43
N LYS A 147 6.45 -6.35 14.74
CA LYS A 147 6.05 -4.98 14.38
C LYS A 147 5.68 -4.12 15.59
N ASP A 148 5.32 -4.75 16.71
CA ASP A 148 4.92 -4.01 17.92
C ASP A 148 6.06 -3.14 18.46
N ILE A 149 5.87 -1.83 18.41
CA ILE A 149 6.89 -0.92 18.89
C ILE A 149 6.23 0.39 19.33
N ASN A 150 6.79 1.00 20.36
CA ASN A 150 6.25 2.26 20.87
C ASN A 150 7.37 3.31 20.88
N VAL A 151 7.21 4.39 20.14
CA VAL A 151 8.23 5.44 20.14
C VAL A 151 7.71 6.69 20.85
N LYS A 152 8.59 7.31 21.63
CA LYS A 152 8.25 8.53 22.35
C LYS A 152 9.33 9.54 22.10
N TRP A 153 8.94 10.81 22.01
CA TRP A 153 9.92 11.87 21.83
C TRP A 153 10.08 12.58 23.16
N LYS A 154 11.31 12.89 23.52
CA LYS A 154 11.59 13.60 24.76
C LYS A 154 12.49 14.77 24.42
N ILE A 155 12.08 15.96 24.85
CA ILE A 155 12.86 17.17 24.63
C ILE A 155 13.34 17.64 26.01
N ASP A 156 14.65 17.63 26.23
CA ASP A 156 15.20 18.05 27.50
C ASP A 156 14.61 17.31 28.69
N GLY A 157 14.38 16.02 28.53
CA GLY A 157 13.83 15.25 29.64
C GLY A 157 12.32 15.09 29.77
N SER A 158 11.52 15.86 29.05
CA SER A 158 10.08 15.67 29.17
C SER A 158 9.48 15.23 27.85
N GLU A 159 8.49 14.35 27.93
CA GLU A 159 7.81 13.82 26.75
C GLU A 159 7.06 14.89 25.97
N ARG A 160 7.20 14.83 24.65
CA ARG A 160 6.54 15.75 23.72
C ARG A 160 5.60 14.90 22.86
N GLN A 161 4.29 15.05 23.08
CA GLN A 161 3.30 14.28 22.33
C GLN A 161 2.71 14.98 21.12
N ASN A 162 2.77 16.30 21.10
CA ASN A 162 2.21 17.06 19.99
C ASN A 162 3.21 17.36 18.88
N GLY A 163 2.74 17.22 17.65
CA GLY A 163 3.57 17.47 16.47
C GLY A 163 4.31 16.25 15.98
N VAL A 164 3.89 15.07 16.40
CA VAL A 164 4.53 13.82 16.00
C VAL A 164 3.73 13.15 14.87
N LEU A 165 4.45 12.65 13.88
CA LEU A 165 3.85 12.04 12.71
C LEU A 165 4.61 10.73 12.47
N ASN A 166 3.95 9.59 12.66
CA ASN A 166 4.54 8.26 12.45
C ASN A 166 4.01 7.54 11.22
N SER A 167 4.82 6.66 10.63
CA SER A 167 4.44 5.89 9.46
C SER A 167 5.22 4.56 9.48
N TRP A 168 4.56 3.45 9.15
CA TRP A 168 5.21 2.11 9.12
C TRP A 168 5.15 1.55 7.70
N THR A 169 6.16 0.75 7.33
CA THR A 169 6.17 0.11 6.02
C THR A 169 5.47 -1.22 6.26
N ASP A 170 5.07 -1.91 5.19
CA ASP A 170 4.45 -3.21 5.37
C ASP A 170 5.65 -4.17 5.53
N GLN A 171 5.38 -5.44 5.81
CA GLN A 171 6.47 -6.39 5.96
C GLN A 171 7.26 -6.55 4.67
N ASP A 172 8.58 -6.43 4.78
CA ASP A 172 9.53 -6.55 3.66
C ASP A 172 9.72 -8.01 3.20
N SER A 173 9.45 -8.26 1.93
CA SER A 173 9.59 -9.60 1.36
C SER A 173 11.02 -10.12 1.20
N LYS A 174 12.01 -9.35 1.63
CA LYS A 174 13.41 -9.79 1.52
C LYS A 174 13.93 -10.34 2.85
N ASP A 175 13.60 -9.66 3.95
CA ASP A 175 14.06 -10.10 5.26
C ASP A 175 12.96 -10.25 6.33
N SER A 176 11.70 -10.09 5.92
CA SER A 176 10.53 -10.20 6.81
C SER A 176 10.50 -9.25 8.00
N THR A 177 11.23 -8.12 7.92
CA THR A 177 11.24 -7.16 9.03
C THR A 177 10.37 -5.96 8.69
N TYR A 178 10.14 -5.10 9.68
CA TYR A 178 9.36 -3.87 9.50
C TYR A 178 10.26 -2.67 9.74
N SER A 179 9.85 -1.51 9.22
CA SER A 179 10.57 -0.26 9.41
C SER A 179 9.55 0.81 9.75
N MET A 180 10.00 1.82 10.49
CA MET A 180 9.13 2.91 10.90
C MET A 180 9.89 4.23 10.92
N SER A 181 9.16 5.30 10.63
CA SER A 181 9.71 6.64 10.59
C SER A 181 8.90 7.47 11.58
N SER A 182 9.56 8.30 12.37
CA SER A 182 8.87 9.18 13.32
C SER A 182 9.46 10.58 13.15
N THR A 183 8.58 11.55 12.88
CA THR A 183 8.97 12.93 12.65
C THR A 183 8.30 13.87 13.68
N LEU A 184 9.12 14.65 14.39
CA LEU A 184 8.63 15.62 15.37
C LEU A 184 8.83 16.99 14.70
N THR A 185 7.74 17.73 14.54
CA THR A 185 7.80 19.04 13.91
C THR A 185 7.52 20.17 14.90
N LEU A 186 8.38 21.18 14.90
CA LEU A 186 8.26 22.33 15.77
C LEU A 186 8.53 23.56 14.92
N THR A 187 8.46 24.71 15.56
CA THR A 187 8.77 25.98 14.92
C THR A 187 10.28 26.13 15.09
N LYS A 188 10.93 26.92 14.22
CA LYS A 188 12.38 27.14 14.33
C LYS A 188 12.69 27.74 15.69
N ASP A 189 11.84 28.68 16.12
CA ASP A 189 12.05 29.35 17.39
C ASP A 189 12.07 28.42 18.57
N GLU A 190 11.10 27.53 18.65
CA GLU A 190 11.11 26.62 19.78
C GLU A 190 12.23 25.61 19.73
N TYR A 191 12.65 25.25 18.52
CA TYR A 191 13.72 24.29 18.34
C TYR A 191 15.04 24.81 18.90
N GLU A 192 15.29 26.10 18.68
CA GLU A 192 16.51 26.73 19.14
C GLU A 192 16.51 27.08 20.62
N ARG A 193 15.40 26.80 21.28
CA ARG A 193 15.25 27.09 22.69
C ARG A 193 15.49 25.86 23.55
N HIS A 194 15.61 24.69 22.94
CA HIS A 194 15.83 23.45 23.68
C HIS A 194 17.20 22.88 23.35
N ASN A 195 17.64 21.91 24.14
CA ASN A 195 18.95 21.33 23.94
C ASN A 195 19.02 19.89 23.44
N SER A 196 18.50 18.96 24.22
CA SER A 196 18.52 17.53 23.90
C SER A 196 17.23 17.04 23.22
N TYR A 197 17.39 16.29 22.15
CA TYR A 197 16.27 15.72 21.40
C TYR A 197 16.45 14.20 21.41
N THR A 198 15.54 13.50 22.06
CA THR A 198 15.64 12.05 22.17
C THR A 198 14.48 11.26 21.57
N CYS A 199 14.85 10.29 20.76
CA CYS A 199 13.93 9.38 20.11
C CYS A 199 14.05 8.12 20.96
N GLU A 200 12.98 7.74 21.64
CA GLU A 200 13.01 6.59 22.54
C GLU A 200 12.03 5.51 22.11
N ALA A 201 12.50 4.27 21.99
CA ALA A 201 11.63 3.17 21.58
C ALA A 201 11.54 2.04 22.59
N THR A 202 10.39 1.37 22.60
CA THR A 202 10.15 0.24 23.45
C THR A 202 9.91 -0.91 22.50
N HIS A 203 10.61 -2.01 22.72
CA HIS A 203 10.49 -3.17 21.85
C HIS A 203 10.88 -4.44 22.61
N LYS A 204 10.31 -5.56 22.20
CA LYS A 204 10.55 -6.89 22.78
C LYS A 204 12.02 -7.27 22.90
N THR A 205 12.84 -6.79 21.96
CA THR A 205 14.26 -7.10 21.97
C THR A 205 15.11 -6.45 23.07
N SER A 206 14.48 -5.77 24.03
CA SER A 206 15.25 -5.13 25.09
C SER A 206 14.41 -4.81 26.31
N THR A 207 14.98 -5.06 27.49
CA THR A 207 14.29 -4.78 28.76
C THR A 207 14.28 -3.28 29.07
N SER A 208 15.23 -2.53 28.49
CA SER A 208 15.31 -1.08 28.67
C SER A 208 14.99 -0.37 27.34
N PRO A 209 14.52 0.88 27.39
CA PRO A 209 14.21 1.60 26.15
C PRO A 209 15.42 1.76 25.24
N ILE A 210 15.18 1.73 23.93
CA ILE A 210 16.20 1.88 22.90
C ILE A 210 16.28 3.38 22.61
N VAL A 211 17.44 3.96 22.88
CA VAL A 211 17.67 5.40 22.75
C VAL A 211 18.55 5.93 21.63
N LYS A 212 18.16 7.07 21.08
CA LYS A 212 18.95 7.77 20.08
C LYS A 212 18.65 9.24 20.28
N SER A 213 19.69 10.03 20.47
CA SER A 213 19.48 11.46 20.71
C SER A 213 20.66 12.30 20.24
N PHE A 214 20.48 13.61 20.33
CA PHE A 214 21.53 14.56 19.98
C PHE A 214 21.26 15.84 20.76
N ASN A 215 22.32 16.62 20.92
CA ASN A 215 22.24 17.89 21.62
C ASN A 215 22.59 18.96 20.60
N ARG A 216 21.74 19.95 20.44
CA ARG A 216 22.05 21.01 19.50
C ARG A 216 22.72 22.12 20.29
N ASN A 217 23.78 22.68 19.75
CA ASN A 217 24.49 23.78 20.40
C ASN A 217 25.11 24.59 19.28
N GLU A 218 26.38 24.99 19.39
CA GLU A 218 27.01 25.78 18.32
C GLU A 218 28.53 25.57 18.20
N CYS A 219 29.00 25.44 16.94
CA CYS A 219 30.43 25.26 16.53
C CYS A 219 30.68 24.08 15.58
N GLU B 1 0.88 -11.15 -24.84
CA GLU B 1 0.96 -10.67 -23.45
C GLU B 1 -0.24 -9.78 -23.26
N MET B 2 -1.11 -10.24 -22.39
CA MET B 2 -2.35 -9.59 -22.08
C MET B 2 -2.12 -8.47 -21.03
N GLN B 3 -2.52 -7.24 -21.35
CA GLN B 3 -2.35 -6.12 -20.42
C GLN B 3 -3.50 -5.13 -20.35
N LEU B 4 -3.73 -4.59 -19.16
CA LEU B 4 -4.77 -3.61 -18.92
C LEU B 4 -4.10 -2.43 -18.26
N GLN B 5 -4.19 -1.24 -18.85
CA GLN B 5 -3.58 -0.04 -18.30
C GLN B 5 -4.64 0.96 -17.90
N GLN B 6 -4.64 1.34 -16.64
CA GLN B 6 -5.62 2.31 -16.16
C GLN B 6 -5.04 3.71 -16.08
N SER B 7 -5.92 4.69 -16.10
CA SER B 7 -5.52 6.09 -16.03
C SER B 7 -4.92 6.45 -14.66
N GLY B 8 -4.24 7.60 -14.58
CA GLY B 8 -3.60 8.03 -13.35
C GLY B 8 -4.52 8.52 -12.25
N ALA B 9 -3.96 8.75 -11.05
CA ALA B 9 -4.72 9.20 -9.89
C ALA B 9 -5.55 10.47 -10.18
N GLU B 10 -6.71 10.58 -9.57
CA GLU B 10 -7.56 11.73 -9.81
C GLU B 10 -7.92 12.45 -8.53
N LEU B 11 -7.92 13.78 -8.57
CA LEU B 11 -8.35 14.58 -7.41
C LEU B 11 -9.65 15.19 -7.93
N LEU B 12 -10.77 14.86 -7.28
CA LEU B 12 -12.09 15.34 -7.70
C LEU B 12 -12.78 16.13 -6.63
N ARG B 13 -13.45 17.19 -7.06
CA ARG B 13 -14.19 18.05 -6.17
C ARG B 13 -15.53 17.37 -5.84
N PRO B 14 -16.00 17.52 -4.60
CA PRO B 14 -17.27 16.90 -4.21
C PRO B 14 -18.39 17.37 -5.14
N GLY B 15 -19.26 16.43 -5.51
CA GLY B 15 -20.39 16.76 -6.37
C GLY B 15 -20.17 16.69 -7.86
N THR B 16 -18.93 16.59 -8.29
CA THR B 16 -18.63 16.50 -9.71
C THR B 16 -18.50 15.02 -10.10
N SER B 17 -18.05 14.75 -11.31
CA SER B 17 -17.90 13.37 -11.73
C SER B 17 -16.59 13.12 -12.50
N VAL B 18 -16.20 11.84 -12.64
CA VAL B 18 -14.97 11.46 -13.36
C VAL B 18 -15.21 10.26 -14.24
N LYS B 19 -14.40 10.14 -15.30
CA LYS B 19 -14.49 9.01 -16.19
C LYS B 19 -13.12 8.34 -16.12
N LEU B 20 -13.10 7.12 -15.64
CA LEU B 20 -11.87 6.34 -15.52
C LEU B 20 -11.72 5.47 -16.76
N SER B 21 -10.50 5.28 -17.22
CA SER B 21 -10.30 4.43 -18.40
C SER B 21 -9.46 3.18 -18.10
N CYS B 22 -9.70 2.14 -18.90
CA CYS B 22 -9.02 0.86 -18.76
C CYS B 22 -8.71 0.39 -20.18
N LYS B 23 -7.50 0.69 -20.63
CA LYS B 23 -7.05 0.35 -21.97
C LYS B 23 -6.44 -1.06 -21.98
N THR B 24 -6.99 -1.95 -22.82
CA THR B 24 -6.51 -3.32 -22.91
C THR B 24 -5.77 -3.62 -24.22
N SER B 25 -5.01 -4.70 -24.22
CA SER B 25 -4.30 -5.17 -25.40
C SER B 25 -3.88 -6.61 -25.18
N GLY B 26 -3.58 -7.32 -26.26
CA GLY B 26 -3.12 -8.68 -26.16
C GLY B 26 -4.15 -9.76 -26.26
N TYR B 27 -5.40 -9.36 -26.43
CA TYR B 27 -6.50 -10.32 -26.54
C TYR B 27 -7.67 -9.68 -27.28
N ILE B 28 -8.62 -10.49 -27.71
CA ILE B 28 -9.79 -10.00 -28.43
C ILE B 28 -10.71 -9.37 -27.40
N PHE B 29 -10.63 -8.05 -27.31
CA PHE B 29 -11.40 -7.22 -26.37
C PHE B 29 -12.89 -7.56 -26.31
N THR B 30 -13.50 -7.75 -27.48
CA THR B 30 -14.92 -8.05 -27.56
C THR B 30 -15.39 -9.41 -27.06
N SER B 31 -14.47 -10.34 -26.81
CA SER B 31 -14.89 -11.66 -26.38
C SER B 31 -14.90 -11.93 -24.89
N TYR B 32 -14.56 -10.95 -24.05
CA TYR B 32 -14.53 -11.23 -22.61
C TYR B 32 -15.15 -10.14 -21.74
N TRP B 33 -15.77 -10.57 -20.65
CA TRP B 33 -16.36 -9.63 -19.73
C TRP B 33 -15.26 -8.89 -18.98
N ILE B 34 -15.48 -7.61 -18.77
CA ILE B 34 -14.57 -6.77 -18.03
C ILE B 34 -15.37 -6.38 -16.78
N HIS B 35 -14.75 -6.57 -15.61
CA HIS B 35 -15.38 -6.27 -14.31
C HIS B 35 -14.65 -5.09 -13.65
N TRP B 36 -15.34 -4.36 -12.78
CA TRP B 36 -14.74 -3.24 -12.05
C TRP B 36 -14.94 -3.57 -10.58
N VAL B 37 -13.88 -3.39 -9.80
CA VAL B 37 -13.87 -3.67 -8.37
C VAL B 37 -13.38 -2.44 -7.61
N LYS B 38 -13.94 -2.20 -6.43
CA LYS B 38 -13.57 -1.05 -5.62
C LYS B 38 -12.86 -1.50 -4.35
N GLN B 39 -11.83 -0.75 -3.95
CA GLN B 39 -11.07 -1.03 -2.74
C GLN B 39 -10.94 0.19 -1.84
N ARG B 40 -11.52 0.13 -0.65
CA ARG B 40 -11.45 1.23 0.32
C ARG B 40 -10.51 0.89 1.47
N SER B 41 -9.78 1.91 1.93
CA SER B 41 -8.81 1.83 3.04
C SER B 41 -8.15 0.47 3.30
N GLY B 42 -7.31 0.03 2.37
CA GLY B 42 -6.64 -1.26 2.53
C GLY B 42 -7.59 -2.41 2.22
N GLN B 43 -7.69 -3.37 3.14
CA GLN B 43 -8.57 -4.52 2.92
C GLN B 43 -10.07 -4.18 3.04
N GLY B 44 -10.79 -4.22 1.92
CA GLY B 44 -12.21 -3.91 1.89
C GLY B 44 -12.68 -3.81 0.44
N LEU B 45 -12.81 -4.97 -0.22
CA LEU B 45 -13.21 -5.07 -1.62
C LEU B 45 -14.71 -5.16 -1.90
N GLU B 46 -15.15 -4.53 -2.98
CA GLU B 46 -16.55 -4.54 -3.37
C GLU B 46 -16.65 -4.69 -4.86
N TRP B 47 -17.57 -5.53 -5.33
CA TRP B 47 -17.77 -5.75 -6.76
C TRP B 47 -18.79 -4.70 -7.27
N ILE B 48 -18.43 -3.98 -8.33
CA ILE B 48 -19.27 -2.91 -8.88
C ILE B 48 -20.22 -3.33 -10.01
N ALA B 49 -19.64 -3.73 -11.15
CA ALA B 49 -20.41 -4.10 -12.33
C ALA B 49 -19.52 -4.82 -13.36
N ARG B 50 -20.15 -5.36 -14.41
CA ARG B 50 -19.45 -6.05 -15.49
C ARG B 50 -20.07 -5.67 -16.83
N ILE B 51 -19.24 -5.61 -17.85
CA ILE B 51 -19.70 -5.27 -19.19
C ILE B 51 -19.04 -6.20 -20.22
N TYR B 52 -19.81 -6.58 -21.23
CA TYR B 52 -19.33 -7.43 -22.31
C TYR B 52 -19.20 -6.45 -23.47
N PRO B 53 -17.98 -6.00 -23.75
CA PRO B 53 -17.74 -5.03 -24.84
C PRO B 53 -18.37 -5.37 -26.19
N GLY B 54 -18.47 -6.66 -26.50
CA GLY B 54 -19.02 -7.12 -27.76
C GLY B 54 -20.42 -6.61 -28.03
N THR B 55 -21.24 -6.58 -26.99
CA THR B 55 -22.63 -6.14 -27.13
C THR B 55 -23.02 -4.87 -26.35
N GLY B 56 -22.21 -4.49 -25.36
CA GLY B 56 -22.52 -3.33 -24.55
C GLY B 56 -23.41 -3.72 -23.37
N SER B 57 -23.63 -5.01 -23.21
CA SER B 57 -24.45 -5.56 -22.11
C SER B 57 -23.75 -5.35 -20.75
N THR B 58 -24.45 -4.76 -19.79
CA THR B 58 -23.90 -4.49 -18.46
C THR B 58 -24.81 -4.99 -17.31
N TYR B 59 -24.21 -5.38 -16.20
CA TYR B 59 -24.95 -5.80 -15.01
C TYR B 59 -24.35 -5.01 -13.88
N TYR B 60 -25.21 -4.43 -13.05
CA TYR B 60 -24.75 -3.61 -11.93
C TYR B 60 -25.15 -4.13 -10.59
N ASN B 61 -24.27 -3.87 -9.62
CA ASN B 61 -24.51 -4.18 -8.22
C ASN B 61 -25.51 -3.08 -7.88
N GLU B 62 -26.62 -3.42 -7.23
CA GLU B 62 -27.67 -2.46 -6.86
C GLU B 62 -27.12 -1.18 -6.25
N LYS B 63 -26.21 -1.31 -5.28
CA LYS B 63 -25.59 -0.15 -4.62
C LYS B 63 -25.02 0.89 -5.57
N PHE B 64 -24.59 0.47 -6.76
CA PHE B 64 -23.95 1.38 -7.68
C PHE B 64 -24.75 1.89 -8.87
N LYS B 65 -26.02 1.52 -8.99
CA LYS B 65 -26.86 2.01 -10.10
C LYS B 65 -26.98 3.51 -9.91
N GLY B 66 -26.72 4.29 -10.96
CA GLY B 66 -26.78 5.71 -10.81
C GLY B 66 -25.44 6.26 -10.40
N LYS B 67 -24.63 5.48 -9.69
CA LYS B 67 -23.33 5.98 -9.30
C LYS B 67 -22.33 5.69 -10.41
N ALA B 68 -22.34 4.46 -10.91
CA ALA B 68 -21.40 4.05 -11.96
C ALA B 68 -22.08 3.79 -13.29
N THR B 69 -21.41 4.16 -14.38
CA THR B 69 -21.92 3.89 -15.71
C THR B 69 -20.74 3.31 -16.48
N LEU B 70 -20.91 2.09 -16.99
CA LEU B 70 -19.85 1.42 -17.74
C LEU B 70 -20.05 1.53 -19.25
N THR B 71 -18.99 1.82 -19.99
CA THR B 71 -19.08 1.88 -21.45
C THR B 71 -17.82 1.23 -21.99
N ALA B 72 -17.82 0.95 -23.28
CA ALA B 72 -16.66 0.31 -23.91
C ALA B 72 -16.52 0.77 -25.34
N ASP B 73 -15.31 1.16 -25.72
CA ASP B 73 -15.06 1.59 -27.09
C ASP B 73 -14.30 0.46 -27.79
N LYS B 74 -15.01 -0.28 -28.63
CA LYS B 74 -14.40 -1.40 -29.35
C LYS B 74 -13.27 -1.01 -30.28
N SER B 75 -13.30 0.20 -30.83
CA SER B 75 -12.25 0.62 -31.75
C SER B 75 -10.90 0.94 -31.11
N SER B 76 -10.87 1.16 -29.80
CA SER B 76 -9.61 1.44 -29.11
C SER B 76 -9.35 0.42 -27.99
N SER B 77 -10.24 -0.56 -27.88
CA SER B 77 -10.14 -1.61 -26.88
C SER B 77 -10.05 -1.02 -25.48
N THR B 78 -10.83 0.02 -25.24
CA THR B 78 -10.85 0.69 -23.94
C THR B 78 -12.22 0.60 -23.25
N ALA B 79 -12.19 0.20 -21.97
CA ALA B 79 -13.39 0.12 -21.15
C ALA B 79 -13.37 1.39 -20.30
N TYR B 80 -14.54 1.94 -20.01
CA TYR B 80 -14.64 3.16 -19.21
C TYR B 80 -15.64 2.99 -18.07
N MET B 81 -15.38 3.69 -16.97
CA MET B 81 -16.31 3.72 -15.84
C MET B 81 -16.44 5.17 -15.39
N GLN B 82 -17.66 5.69 -15.53
CA GLN B 82 -17.96 7.04 -15.14
C GLN B 82 -18.59 7.00 -13.77
N LEU B 83 -18.05 7.79 -12.84
CA LEU B 83 -18.60 7.88 -11.50
C LEU B 83 -19.23 9.26 -11.41
N SER B 84 -20.47 9.35 -10.94
CA SER B 84 -21.21 10.61 -10.85
C SER B 84 -21.40 11.13 -9.45
N THR B 85 -21.53 12.46 -9.34
CA THR B 85 -21.78 13.16 -8.07
C THR B 85 -21.00 12.56 -6.91
N LEU B 86 -19.68 12.76 -6.94
CA LEU B 86 -18.82 12.17 -5.95
C LEU B 86 -18.89 12.70 -4.55
N LYS B 87 -18.81 11.78 -3.59
CA LYS B 87 -18.81 12.11 -2.17
C LYS B 87 -17.85 11.23 -1.40
N SER B 88 -17.75 11.46 -0.10
CA SER B 88 -16.84 10.76 0.80
C SER B 88 -16.59 9.28 0.51
N GLU B 89 -17.66 8.51 0.38
CA GLU B 89 -17.54 7.07 0.15
C GLU B 89 -16.88 6.68 -1.17
N ASP B 90 -16.86 7.60 -2.14
CA ASP B 90 -16.28 7.33 -3.45
C ASP B 90 -14.75 7.40 -3.53
N SER B 91 -14.11 7.89 -2.47
CA SER B 91 -12.64 7.95 -2.42
C SER B 91 -12.16 6.52 -2.23
N ALA B 92 -11.45 5.99 -3.23
CA ALA B 92 -10.98 4.60 -3.19
C ALA B 92 -10.09 4.34 -4.38
N VAL B 93 -9.61 3.10 -4.46
CA VAL B 93 -8.81 2.64 -5.59
C VAL B 93 -9.81 1.78 -6.40
N TYR B 94 -9.88 2.01 -7.70
CA TYR B 94 -10.77 1.24 -8.58
C TYR B 94 -9.96 0.39 -9.55
N PHE B 95 -10.30 -0.91 -9.63
CA PHE B 95 -9.62 -1.85 -10.53
C PHE B 95 -10.53 -2.34 -11.64
N CYS B 96 -9.96 -2.57 -12.82
CA CYS B 96 -10.72 -3.18 -13.90
C CYS B 96 -10.01 -4.52 -14.08
N THR B 97 -10.74 -5.53 -14.51
CA THR B 97 -10.15 -6.83 -14.69
C THR B 97 -10.85 -7.67 -15.75
N ARG B 98 -10.05 -8.38 -16.54
CA ARG B 98 -10.63 -9.31 -17.50
C ARG B 98 -10.66 -10.56 -16.62
N TRP B 99 -11.71 -10.67 -15.82
CA TRP B 99 -11.87 -11.74 -14.83
C TRP B 99 -11.64 -13.18 -15.31
N GLY B 100 -12.04 -13.48 -16.54
CA GLY B 100 -11.84 -14.81 -17.10
C GLY B 100 -12.94 -15.85 -16.98
N PHE B 101 -14.03 -15.59 -16.27
CA PHE B 101 -15.08 -16.59 -16.21
C PHE B 101 -15.76 -16.67 -17.57
N ILE B 102 -15.84 -17.85 -18.17
CA ILE B 102 -16.49 -18.01 -19.47
C ILE B 102 -17.84 -18.68 -19.15
N PRO B 103 -18.93 -17.91 -19.11
CA PRO B 103 -20.25 -18.46 -18.78
C PRO B 103 -20.66 -19.77 -19.50
N VAL B 104 -20.34 -19.91 -20.78
CA VAL B 104 -20.71 -21.10 -21.52
C VAL B 104 -19.89 -22.36 -21.17
N ARG B 105 -18.62 -22.20 -20.79
CA ARG B 105 -17.79 -23.35 -20.45
C ARG B 105 -17.96 -23.66 -18.97
N GLU B 106 -18.56 -22.73 -18.24
CA GLU B 106 -18.74 -22.83 -16.79
C GLU B 106 -17.37 -23.07 -16.15
N ASP B 107 -16.36 -22.43 -16.73
CA ASP B 107 -15.00 -22.54 -16.24
C ASP B 107 -14.28 -21.21 -16.52
N TYR B 108 -13.04 -21.10 -16.03
CA TYR B 108 -12.29 -19.86 -16.14
C TYR B 108 -11.00 -19.92 -16.93
N VAL B 109 -10.62 -18.77 -17.44
CA VAL B 109 -9.38 -18.57 -18.17
C VAL B 109 -8.66 -17.57 -17.22
N MET B 110 -7.36 -17.38 -17.35
CA MET B 110 -6.60 -16.48 -16.47
C MET B 110 -7.13 -15.04 -16.31
N ASP B 111 -7.14 -14.57 -15.07
CA ASP B 111 -7.59 -13.20 -14.78
C ASP B 111 -6.41 -12.23 -14.89
N TYR B 112 -6.63 -11.10 -15.56
CA TYR B 112 -5.61 -10.07 -15.69
C TYR B 112 -6.22 -8.81 -15.10
N TRP B 113 -5.41 -8.02 -14.40
CA TRP B 113 -5.94 -6.85 -13.72
C TRP B 113 -5.17 -5.58 -14.08
N GLY B 114 -5.84 -4.43 -13.99
CA GLY B 114 -5.15 -3.18 -14.24
C GLY B 114 -4.40 -2.86 -12.94
N GLN B 115 -3.57 -1.82 -12.96
CA GLN B 115 -2.82 -1.46 -11.77
C GLN B 115 -3.65 -0.69 -10.71
N GLY B 116 -4.86 -0.26 -11.07
CA GLY B 116 -5.71 0.47 -10.13
C GLY B 116 -5.61 1.98 -10.29
N THR B 117 -6.73 2.68 -10.09
CA THR B 117 -6.78 4.13 -10.19
C THR B 117 -7.29 4.67 -8.87
N LEU B 118 -6.49 5.50 -8.21
CA LEU B 118 -6.86 6.08 -6.92
C LEU B 118 -7.67 7.36 -7.18
N VAL B 119 -8.83 7.46 -6.55
CA VAL B 119 -9.68 8.65 -6.69
C VAL B 119 -9.78 9.31 -5.30
N THR B 120 -9.40 10.58 -5.20
CA THR B 120 -9.48 11.34 -3.94
C THR B 120 -10.55 12.43 -4.10
N VAL B 121 -11.59 12.39 -3.28
CA VAL B 121 -12.66 13.37 -3.33
C VAL B 121 -12.39 14.39 -2.22
N SER B 122 -12.02 15.60 -2.60
CA SER B 122 -11.69 16.65 -1.64
C SER B 122 -11.77 18.02 -2.29
N SER B 123 -11.90 19.07 -1.49
CA SER B 123 -11.91 20.40 -2.04
C SER B 123 -10.63 21.15 -1.63
N ALA B 124 -9.69 20.46 -0.97
CA ALA B 124 -8.42 21.05 -0.53
C ALA B 124 -7.56 21.40 -1.73
N LYS B 125 -6.78 22.48 -1.60
CA LYS B 125 -5.94 22.95 -2.69
C LYS B 125 -4.67 22.14 -2.93
N THR B 126 -4.25 22.10 -4.20
CA THR B 126 -3.04 21.39 -4.63
C THR B 126 -1.85 22.18 -4.14
N THR B 127 -0.92 21.53 -3.46
CA THR B 127 0.24 22.21 -2.90
C THR B 127 1.50 21.43 -3.22
N ALA B 128 2.51 22.14 -3.74
CA ALA B 128 3.81 21.56 -4.11
C ALA B 128 4.57 21.20 -2.85
N PRO B 129 5.37 20.11 -2.90
CA PRO B 129 6.13 19.71 -1.71
C PRO B 129 7.43 20.46 -1.50
N SER B 130 7.90 20.45 -0.26
CA SER B 130 9.19 21.03 0.11
C SER B 130 10.03 19.77 0.39
N VAL B 131 11.19 19.68 -0.24
CA VAL B 131 12.05 18.50 -0.07
C VAL B 131 13.28 18.88 0.76
N TYR B 132 13.52 18.15 1.84
CA TYR B 132 14.65 18.43 2.74
C TYR B 132 15.60 17.24 2.88
N PRO B 133 16.92 17.48 2.71
CA PRO B 133 17.90 16.39 2.82
C PRO B 133 18.20 16.09 4.29
N LEU B 134 18.41 14.82 4.61
CA LEU B 134 18.70 14.44 5.98
C LEU B 134 20.09 13.79 6.02
N ALA B 135 21.06 14.60 6.43
CA ALA B 135 22.45 14.17 6.56
C ALA B 135 22.64 13.79 8.01
N PRO B 136 23.42 12.73 8.27
CA PRO B 136 23.66 12.27 9.64
C PRO B 136 24.45 13.20 10.54
N VAL B 137 24.34 12.94 11.82
CA VAL B 137 25.07 13.66 12.86
C VAL B 137 25.11 12.65 14.02
N CYS B 138 23.97 11.95 14.21
CA CYS B 138 23.81 10.90 15.23
C CYS B 138 23.16 9.70 14.52
N GLY B 139 22.55 9.98 13.37
CA GLY B 139 21.93 8.95 12.56
C GLY B 139 22.97 8.36 11.62
N ASP B 140 24.22 8.46 12.03
CA ASP B 140 25.37 7.96 11.28
C ASP B 140 25.52 6.44 11.42
N THR B 141 25.05 5.92 12.55
CA THR B 141 25.12 4.49 12.88
C THR B 141 26.61 4.06 13.00
N THR B 142 27.47 5.03 13.35
CA THR B 142 28.92 4.86 13.53
C THR B 142 29.63 4.65 12.17
N GLY B 143 30.54 3.69 12.08
CA GLY B 143 31.23 3.39 10.83
C GLY B 143 30.56 2.17 10.21
N SER B 144 31.15 1.61 9.16
CA SER B 144 30.61 0.43 8.47
C SER B 144 29.54 0.85 7.47
N SER B 145 28.35 1.21 7.96
CA SER B 145 27.27 1.65 7.09
C SER B 145 26.66 2.94 7.65
N VAL B 146 26.21 3.83 6.78
CA VAL B 146 25.60 5.09 7.20
C VAL B 146 24.26 5.25 6.49
N THR B 147 23.24 5.75 7.19
CA THR B 147 21.95 5.93 6.55
C THR B 147 21.59 7.42 6.37
N LEU B 148 21.18 7.76 5.16
CA LEU B 148 20.78 9.12 4.82
C LEU B 148 19.26 9.11 4.68
N GLY B 149 18.68 10.28 4.52
CA GLY B 149 17.23 10.34 4.39
C GLY B 149 16.76 11.49 3.54
N CYS B 150 15.47 11.49 3.26
CA CYS B 150 14.86 12.53 2.47
C CYS B 150 13.47 12.80 3.02
N LEU B 151 13.19 14.05 3.40
CA LEU B 151 11.88 14.42 3.95
C LEU B 151 11.10 15.24 2.93
N VAL B 152 9.94 14.71 2.53
CA VAL B 152 9.06 15.38 1.57
C VAL B 152 7.84 15.80 2.37
N LYS B 153 7.67 17.09 2.61
CA LYS B 153 6.53 17.51 3.39
C LYS B 153 5.71 18.68 2.87
N GLY B 154 4.47 18.73 3.33
CA GLY B 154 3.56 19.78 2.96
C GLY B 154 2.97 19.75 1.57
N TYR B 155 2.62 18.57 1.06
CA TYR B 155 2.06 18.49 -0.28
C TYR B 155 0.63 17.96 -0.31
N PHE B 156 -0.06 18.23 -1.41
CA PHE B 156 -1.41 17.74 -1.63
C PHE B 156 -1.68 17.84 -3.13
N PRO B 157 -2.24 16.79 -3.74
CA PRO B 157 -2.64 15.51 -3.16
C PRO B 157 -1.58 14.45 -3.44
N GLU B 158 -1.87 13.20 -3.10
CA GLU B 158 -0.97 12.08 -3.40
C GLU B 158 -1.18 11.80 -4.91
N PRO B 159 -0.22 11.14 -5.59
CA PRO B 159 1.04 10.59 -5.13
C PRO B 159 2.26 11.45 -5.39
N VAL B 160 3.36 11.04 -4.79
CA VAL B 160 4.63 11.69 -4.98
C VAL B 160 5.53 10.51 -5.36
N THR B 161 6.51 10.75 -6.22
CA THR B 161 7.45 9.70 -6.64
C THR B 161 8.81 10.03 -6.08
N LEU B 162 9.38 9.12 -5.29
CA LEU B 162 10.70 9.34 -4.71
C LEU B 162 11.64 8.20 -5.08
N THR B 163 12.75 8.55 -5.72
CA THR B 163 13.78 7.58 -6.10
C THR B 163 15.14 8.13 -5.66
N TRP B 164 16.12 7.26 -5.53
CA TRP B 164 17.47 7.68 -5.13
C TRP B 164 18.42 7.51 -6.31
N ASN B 165 19.22 8.54 -6.58
CA ASN B 165 20.19 8.52 -7.69
C ASN B 165 19.52 8.08 -9.00
N SER B 166 18.35 8.67 -9.26
CA SER B 166 17.54 8.39 -10.45
C SER B 166 17.10 6.94 -10.65
N GLY B 167 17.11 6.15 -9.58
CA GLY B 167 16.71 4.76 -9.68
C GLY B 167 17.85 3.77 -9.53
N SER B 168 19.08 4.24 -9.75
CA SER B 168 20.27 3.39 -9.64
C SER B 168 20.37 2.72 -8.27
N LEU B 169 20.16 3.51 -7.23
CA LEU B 169 20.26 3.03 -5.87
C LEU B 169 18.89 2.56 -5.41
N SER B 170 18.70 1.24 -5.36
CA SER B 170 17.42 0.69 -4.93
C SER B 170 17.54 -0.22 -3.72
N SER B 171 18.72 -0.76 -3.48
CA SER B 171 18.89 -1.63 -2.32
C SER B 171 19.19 -0.81 -1.09
N GLY B 172 18.54 -1.19 0.01
CA GLY B 172 18.72 -0.50 1.26
C GLY B 172 17.87 0.76 1.35
N VAL B 173 16.82 0.81 0.53
CA VAL B 173 15.92 1.95 0.51
C VAL B 173 14.59 1.60 1.18
N HIS B 174 14.09 2.50 2.00
CA HIS B 174 12.81 2.33 2.67
C HIS B 174 12.02 3.61 2.46
N THR B 175 10.90 3.53 1.75
CA THR B 175 10.05 4.69 1.52
C THR B 175 8.79 4.47 2.35
N PHE B 176 8.50 5.42 3.23
CA PHE B 176 7.36 5.30 4.13
C PHE B 176 6.08 5.87 3.55
N PRO B 177 4.94 5.22 3.81
CA PRO B 177 3.64 5.69 3.31
C PRO B 177 3.37 7.10 3.79
N ALA B 178 2.80 7.93 2.92
CA ALA B 178 2.48 9.28 3.27
C ALA B 178 1.38 9.32 4.32
N VAL B 179 1.48 10.28 5.22
CA VAL B 179 0.50 10.47 6.28
C VAL B 179 -0.05 11.86 6.14
N LEU B 180 -1.37 11.97 6.20
CA LEU B 180 -2.08 13.25 6.07
C LEU B 180 -2.21 13.92 7.42
N GLN B 181 -2.01 15.23 7.44
CA GLN B 181 -2.19 16.04 8.63
C GLN B 181 -2.44 17.47 8.21
N SER B 182 -3.55 18.06 8.66
CA SER B 182 -3.91 19.43 8.32
C SER B 182 -3.92 19.71 6.82
N ASP B 183 -4.59 18.83 6.07
CA ASP B 183 -4.72 18.98 4.61
C ASP B 183 -3.44 18.86 3.81
N LEU B 184 -2.38 18.36 4.42
CA LEU B 184 -1.11 18.20 3.72
C LEU B 184 -0.50 16.86 4.10
N TYR B 185 0.18 16.21 3.16
CA TYR B 185 0.84 14.92 3.39
C TYR B 185 2.32 15.11 3.68
N THR B 186 2.90 14.17 4.41
CA THR B 186 4.31 14.16 4.71
C THR B 186 4.77 12.75 4.34
N LEU B 187 5.95 12.64 3.73
CA LEU B 187 6.50 11.36 3.33
C LEU B 187 8.01 11.40 3.57
N SER B 188 8.59 10.24 3.85
CA SER B 188 10.03 10.19 4.08
C SER B 188 10.61 8.89 3.54
N SER B 189 11.92 8.90 3.28
CA SER B 189 12.62 7.74 2.78
C SER B 189 14.03 7.71 3.36
N SER B 190 14.52 6.51 3.66
CA SER B 190 15.87 6.34 4.19
C SER B 190 16.64 5.42 3.27
N VAL B 191 17.96 5.66 3.19
CA VAL B 191 18.83 4.83 2.37
C VAL B 191 20.09 4.52 3.19
N THR B 192 20.44 3.23 3.28
CA THR B 192 21.62 2.80 4.02
C THR B 192 22.69 2.34 3.04
N VAL B 193 23.86 2.96 3.14
CA VAL B 193 25.00 2.63 2.29
C VAL B 193 26.21 2.41 3.22
N THR B 194 27.36 2.01 2.66
CA THR B 194 28.57 1.80 3.46
C THR B 194 29.36 3.10 3.61
N SER B 195 30.11 3.20 4.70
CA SER B 195 30.92 4.40 5.01
C SER B 195 31.84 4.79 3.85
N SER B 196 32.17 3.81 3.02
CA SER B 196 33.05 4.04 1.88
C SER B 196 32.37 4.76 0.71
N THR B 197 31.11 4.43 0.45
CA THR B 197 30.37 5.05 -0.64
C THR B 197 30.15 6.53 -0.38
N TRP B 198 29.50 6.86 0.73
CA TRP B 198 29.22 8.26 1.07
C TRP B 198 30.21 8.68 2.17
N PRO B 199 30.63 9.95 2.20
CA PRO B 199 30.29 11.08 1.32
C PRO B 199 30.99 11.01 -0.04
N SER B 200 31.98 10.13 -0.15
CA SER B 200 32.78 9.95 -1.36
C SER B 200 32.01 10.14 -2.67
N GLN B 201 31.04 9.27 -2.93
CA GLN B 201 30.24 9.40 -4.12
C GLN B 201 28.92 9.96 -3.62
N SER B 202 28.33 10.88 -4.40
CA SER B 202 27.08 11.54 -4.02
C SER B 202 25.79 10.75 -4.10
N ILE B 203 24.89 11.08 -3.20
CA ILE B 203 23.59 10.44 -3.12
C ILE B 203 22.60 11.56 -3.29
N THR B 204 21.69 11.39 -4.23
CA THR B 204 20.68 12.40 -4.50
C THR B 204 19.26 11.83 -4.42
N CYS B 205 18.37 12.63 -3.86
CA CYS B 205 16.98 12.27 -3.69
C CYS B 205 16.20 12.95 -4.82
N ASN B 206 15.44 12.17 -5.58
CA ASN B 206 14.66 12.70 -6.70
C ASN B 206 13.18 12.63 -6.35
N VAL B 207 12.51 13.78 -6.34
CA VAL B 207 11.11 13.79 -6.01
C VAL B 207 10.30 14.41 -7.13
N ALA B 208 9.15 13.80 -7.41
CA ALA B 208 8.24 14.30 -8.44
C ALA B 208 6.82 14.33 -7.87
N HIS B 209 6.09 15.39 -8.16
CA HIS B 209 4.73 15.51 -7.69
C HIS B 209 3.95 15.98 -8.92
N PRO B 210 3.43 15.02 -9.71
CA PRO B 210 2.67 15.35 -10.93
C PRO B 210 1.58 16.40 -10.80
N ALA B 211 0.71 16.25 -9.80
CA ALA B 211 -0.39 17.20 -9.58
C ALA B 211 0.02 18.68 -9.61
N SER B 212 1.26 18.99 -9.23
CA SER B 212 1.72 20.37 -9.24
C SER B 212 2.90 20.59 -10.20
N SER B 213 3.24 19.57 -10.99
CA SER B 213 4.35 19.66 -11.93
C SER B 213 5.63 20.09 -11.23
N THR B 214 5.89 19.49 -10.08
CA THR B 214 7.08 19.80 -9.32
C THR B 214 8.04 18.64 -9.49
N LYS B 215 9.30 18.94 -9.82
CA LYS B 215 10.32 17.92 -9.96
C LYS B 215 11.55 18.50 -9.27
N VAL B 216 12.03 17.86 -8.22
CA VAL B 216 13.16 18.39 -7.46
C VAL B 216 14.20 17.34 -7.10
N ASP B 217 15.47 17.72 -7.20
CA ASP B 217 16.58 16.85 -6.87
C ASP B 217 17.35 17.46 -5.70
N LYS B 218 17.52 16.70 -4.63
CA LYS B 218 18.27 17.17 -3.47
C LYS B 218 19.46 16.25 -3.21
N LYS B 219 20.65 16.82 -3.19
CA LYS B 219 21.89 16.08 -2.96
C LYS B 219 22.14 16.05 -1.46
N ILE B 220 22.49 14.89 -0.93
CA ILE B 220 22.76 14.80 0.48
C ILE B 220 24.21 15.17 0.76
N GLU B 221 24.42 16.43 1.13
CA GLU B 221 25.76 16.93 1.44
C GLU B 221 25.99 16.78 2.93
N PRO B 222 27.26 16.65 3.35
CA PRO B 222 27.57 16.50 4.78
C PRO B 222 27.18 17.73 5.62
#